data_1DFV
#
_entry.id   1DFV
#
_cell.length_a   115.021
_cell.length_b   115.021
_cell.length_c   117.638
_cell.angle_alpha   90.00
_cell.angle_beta   90.00
_cell.angle_gamma   90.00
#
_symmetry.space_group_name_H-M   'P 41 21 2'
#
loop_
_entity.id
_entity.type
_entity.pdbx_description
1 polymer 'HUMAN NEUTROPHIL GELATINASE'
2 branched 2-acetamido-2-deoxy-beta-D-glucopyranose-(1-4)-2-acetamido-2-deoxy-beta-D-glucopyranose
3 non-polymer 'SULFATE ION'
4 non-polymer 2-acetamido-2-deoxy-beta-D-glucopyranose
5 water water
#
_entity_poly.entity_id   1
_entity_poly.type   'polypeptide(L)'
_entity_poly.pdbx_seq_one_letter_code
;QDSTSDLIPAPPLSKVPLQQNFQDNQFQGKWYVVGLAGNAILREDKDPQKMYATIYELKEDKSYNVTSVLFRKKKCDYWI
RTFVPGCQPGEFTLGNIKSYPGLTSYLVRVVSTNYNQHAMVFFKKVSQNREYFKITLYGRTKELTSELKENFIRFSKSLG
LPENHIVFPVPIDQCID
;
_entity_poly.pdbx_strand_id   A,B
#
# COMPACT_ATOMS: atom_id res chain seq x y z
N SER A 5 1.68 9.31 -3.58
CA SER A 5 0.68 8.43 -4.27
C SER A 5 -0.47 8.05 -3.32
N ASP A 6 -1.59 8.75 -3.45
CA ASP A 6 -2.78 8.54 -2.61
C ASP A 6 -3.80 7.55 -3.18
N LEU A 7 -4.31 6.67 -2.32
CA LEU A 7 -5.28 5.66 -2.74
C LEU A 7 -6.52 5.51 -1.88
N ILE A 8 -7.62 5.11 -2.52
CA ILE A 8 -8.87 4.86 -1.81
C ILE A 8 -8.64 3.49 -1.18
N PRO A 9 -8.81 3.40 0.15
CA PRO A 9 -8.62 2.18 0.95
C PRO A 9 -9.43 0.96 0.53
N ALA A 10 -8.72 -0.14 0.30
CA ALA A 10 -9.36 -1.39 -0.08
C ALA A 10 -10.51 -1.63 0.89
N PRO A 11 -11.67 -2.04 0.37
CA PRO A 11 -12.84 -2.31 1.21
C PRO A 11 -12.59 -3.52 2.07
N PRO A 12 -13.27 -3.61 3.21
CA PRO A 12 -13.07 -4.77 4.09
C PRO A 12 -13.85 -5.96 3.58
N LEU A 13 -13.11 -7.02 3.27
CA LEU A 13 -13.64 -8.28 2.77
C LEU A 13 -15.10 -8.57 3.12
N SER A 14 -15.47 -8.35 4.38
CA SER A 14 -16.83 -8.61 4.83
C SER A 14 -17.86 -7.89 3.95
N LYS A 15 -17.38 -6.93 3.15
CA LYS A 15 -18.23 -6.15 2.25
C LYS A 15 -18.25 -6.70 0.83
N VAL A 16 -17.49 -7.77 0.60
CA VAL A 16 -17.38 -8.39 -0.71
C VAL A 16 -17.99 -9.78 -0.71
N PRO A 17 -19.19 -9.92 -1.29
CA PRO A 17 -19.93 -11.18 -1.38
C PRO A 17 -19.15 -12.27 -2.10
N LEU A 18 -19.55 -13.52 -1.86
CA LEU A 18 -18.93 -14.66 -2.52
C LEU A 18 -20.04 -15.41 -3.25
N GLN A 19 -19.83 -15.74 -4.51
CA GLN A 19 -20.84 -16.47 -5.25
C GLN A 19 -21.22 -17.78 -4.57
N GLN A 20 -22.47 -17.82 -4.12
CA GLN A 20 -23.00 -19.01 -3.46
C GLN A 20 -22.88 -20.23 -4.40
N ASN A 21 -22.41 -21.37 -3.88
CA ASN A 21 -22.32 -22.55 -4.75
C ASN A 21 -21.47 -22.33 -6.01
N PHE A 22 -20.20 -21.93 -5.91
CA PHE A 22 -19.40 -21.74 -7.12
C PHE A 22 -19.02 -23.04 -7.86
N GLN A 23 -19.22 -23.03 -9.18
CA GLN A 23 -18.91 -24.16 -10.05
C GLN A 23 -17.71 -23.82 -10.93
N ASP A 24 -16.52 -24.25 -10.52
CA ASP A 24 -15.31 -23.94 -11.27
C ASP A 24 -15.30 -24.43 -12.72
N ASN A 25 -16.10 -25.44 -13.04
CA ASN A 25 -16.12 -25.95 -14.42
C ASN A 25 -16.93 -25.05 -15.34
N GLN A 26 -18.06 -24.56 -14.83
CA GLN A 26 -18.97 -23.68 -15.59
C GLN A 26 -18.40 -22.27 -15.81
N PHE A 27 -17.51 -21.85 -14.93
CA PHE A 27 -16.92 -20.52 -15.03
C PHE A 27 -15.79 -20.49 -16.06
N GLN A 28 -15.54 -21.65 -16.67
CA GLN A 28 -14.49 -21.76 -17.66
C GLN A 28 -14.85 -20.99 -18.95
N GLY A 29 -13.83 -20.76 -19.78
CA GLY A 29 -14.06 -20.07 -21.03
C GLY A 29 -13.63 -18.62 -21.16
N LYS A 30 -14.03 -18.00 -22.27
CA LYS A 30 -13.68 -16.61 -22.55
C LYS A 30 -14.66 -15.63 -21.94
N TRP A 31 -14.12 -14.61 -21.29
CA TRP A 31 -14.93 -13.58 -20.65
C TRP A 31 -14.52 -12.20 -21.13
N TYR A 32 -15.50 -11.39 -21.51
CA TYR A 32 -15.22 -10.04 -21.97
C TYR A 32 -15.26 -9.08 -20.81
N VAL A 33 -14.23 -8.26 -20.70
CA VAL A 33 -14.18 -7.28 -19.62
C VAL A 33 -14.99 -6.06 -20.06
N VAL A 34 -16.28 -6.06 -19.74
CA VAL A 34 -17.12 -4.94 -20.13
C VAL A 34 -17.17 -3.83 -19.07
N GLY A 35 -16.72 -4.14 -17.85
CA GLY A 35 -16.72 -3.14 -16.80
C GLY A 35 -15.51 -3.20 -15.88
N LEU A 36 -14.87 -2.04 -15.65
CA LEU A 36 -13.69 -1.99 -14.80
C LEU A 36 -13.75 -0.85 -13.78
N ALA A 37 -13.43 -1.16 -12.52
CA ALA A 37 -13.43 -0.16 -11.45
C ALA A 37 -12.40 -0.55 -10.38
N GLY A 38 -11.63 0.44 -9.92
CA GLY A 38 -10.63 0.18 -8.91
C GLY A 38 -10.04 1.46 -8.36
N ASN A 39 -9.34 1.36 -7.22
CA ASN A 39 -8.76 2.55 -6.63
C ASN A 39 -7.58 3.04 -7.46
N ALA A 40 -7.15 2.22 -8.42
CA ALA A 40 -6.06 2.60 -9.31
C ALA A 40 -6.59 2.62 -10.75
N ILE A 41 -7.91 2.72 -10.90
CA ILE A 41 -8.57 2.76 -12.21
C ILE A 41 -9.14 4.16 -12.48
N LEU A 42 -8.69 4.80 -13.56
CA LEU A 42 -9.16 6.15 -13.88
C LEU A 42 -9.83 6.31 -15.26
N ARG A 43 -10.99 6.97 -15.26
CA ARG A 43 -11.82 7.23 -16.45
C ARG A 43 -11.18 8.22 -17.42
N GLU A 44 -10.16 7.79 -18.15
CA GLU A 44 -9.48 8.66 -19.12
C GLU A 44 -10.42 9.04 -20.28
N ASP A 45 -10.32 10.28 -20.77
CA ASP A 45 -11.18 10.73 -21.87
C ASP A 45 -10.47 10.98 -23.20
N LYS A 46 -9.18 11.27 -23.12
CA LYS A 46 -8.38 11.53 -24.32
C LYS A 46 -7.96 10.23 -25.00
N ASP A 47 -8.20 9.11 -24.33
CA ASP A 47 -7.84 7.79 -24.84
C ASP A 47 -8.52 6.71 -23.99
N PRO A 48 -9.85 6.57 -24.12
CA PRO A 48 -10.62 5.58 -23.36
C PRO A 48 -10.11 4.14 -23.47
N GLN A 49 -10.17 3.42 -22.35
CA GLN A 49 -9.71 2.04 -22.29
C GLN A 49 -10.44 1.15 -23.28
N LYS A 50 -9.67 0.33 -24.00
CA LYS A 50 -10.25 -0.60 -24.96
C LYS A 50 -10.60 -1.88 -24.20
N MET A 51 -11.56 -2.61 -24.72
CA MET A 51 -11.97 -3.85 -24.09
C MET A 51 -10.93 -4.94 -24.34
N TYR A 52 -10.65 -5.72 -23.30
CA TYR A 52 -9.72 -6.83 -23.44
C TYR A 52 -10.47 -8.05 -22.94
N ALA A 53 -9.90 -9.24 -23.10
CA ALA A 53 -10.60 -10.43 -22.65
C ALA A 53 -9.72 -11.30 -21.78
N THR A 54 -10.35 -12.18 -21.04
CA THR A 54 -9.65 -13.08 -20.15
C THR A 54 -10.24 -14.48 -20.27
N ILE A 55 -9.38 -15.47 -20.53
CA ILE A 55 -9.82 -16.85 -20.67
C ILE A 55 -9.41 -17.70 -19.47
N TYR A 56 -10.40 -18.34 -18.84
CA TYR A 56 -10.16 -19.19 -17.68
C TYR A 56 -10.19 -20.66 -18.07
N GLU A 57 -9.15 -21.40 -17.67
CA GLU A 57 -9.03 -22.81 -17.97
C GLU A 57 -8.67 -23.66 -16.77
N LEU A 58 -9.52 -24.64 -16.46
CA LEU A 58 -9.28 -25.53 -15.34
C LEU A 58 -8.11 -26.46 -15.64
N LYS A 59 -7.28 -26.69 -14.64
CA LYS A 59 -6.16 -27.62 -14.77
C LYS A 59 -6.66 -28.82 -13.98
N GLU A 60 -6.08 -29.99 -14.17
CA GLU A 60 -6.58 -31.14 -13.42
C GLU A 60 -6.37 -30.98 -11.91
N ASP A 61 -5.41 -30.16 -11.52
CA ASP A 61 -5.17 -29.94 -10.10
C ASP A 61 -6.14 -28.85 -9.63
N LYS A 62 -7.21 -28.68 -10.40
CA LYS A 62 -8.27 -27.72 -10.11
C LYS A 62 -7.89 -26.25 -10.03
N SER A 63 -6.73 -25.91 -10.58
CA SER A 63 -6.28 -24.53 -10.59
C SER A 63 -6.63 -23.94 -11.95
N TYR A 64 -6.73 -22.62 -12.03
CA TYR A 64 -7.06 -21.96 -13.29
C TYR A 64 -5.82 -21.43 -13.99
N ASN A 65 -5.85 -21.49 -15.31
CA ASN A 65 -4.78 -20.97 -16.13
C ASN A 65 -5.45 -19.72 -16.71
N VAL A 66 -5.31 -18.59 -16.04
CA VAL A 66 -5.93 -17.35 -16.50
C VAL A 66 -5.02 -16.62 -17.48
N THR A 67 -5.47 -16.42 -18.70
CA THR A 67 -4.67 -15.71 -19.69
C THR A 67 -5.48 -14.58 -20.32
N SER A 68 -4.87 -13.41 -20.42
CA SER A 68 -5.56 -12.26 -20.98
C SER A 68 -4.99 -11.75 -22.30
N VAL A 69 -5.84 -11.05 -23.06
CA VAL A 69 -5.44 -10.51 -24.34
C VAL A 69 -5.97 -9.09 -24.46
N LEU A 70 -5.09 -8.19 -24.84
CA LEU A 70 -5.47 -6.81 -25.03
C LEU A 70 -4.75 -6.34 -26.28
N PHE A 71 -5.36 -5.39 -26.99
CA PHE A 71 -4.78 -4.81 -28.19
C PHE A 71 -4.10 -3.54 -27.71
N ARG A 72 -2.79 -3.57 -27.55
CA ARG A 72 -2.09 -2.39 -27.05
C ARG A 72 -1.58 -1.44 -28.12
N LYS A 73 -0.49 -1.78 -28.78
CA LYS A 73 0.05 -0.88 -29.79
C LYS A 73 0.31 -1.57 -31.12
N LYS A 74 -0.78 -1.89 -31.81
CA LYS A 74 -0.70 -2.58 -33.09
C LYS A 74 -0.25 -4.01 -32.83
N LYS A 75 -0.88 -4.67 -31.86
CA LYS A 75 -0.51 -6.04 -31.52
C LYS A 75 -1.35 -6.59 -30.39
N CYS A 76 -1.21 -7.88 -30.17
CA CYS A 76 -1.94 -8.54 -29.09
C CYS A 76 -0.92 -8.88 -28.01
N ASP A 77 -1.17 -8.36 -26.81
CA ASP A 77 -0.30 -8.62 -25.68
C ASP A 77 -1.02 -9.68 -24.85
N TYR A 78 -0.31 -10.75 -24.55
CA TYR A 78 -0.87 -11.87 -23.79
C TYR A 78 -0.22 -12.01 -22.43
N TRP A 79 -1.00 -12.03 -21.36
CA TRP A 79 -0.36 -12.24 -20.07
C TRP A 79 -1.06 -13.37 -19.32
N ILE A 80 -0.24 -14.31 -18.89
CA ILE A 80 -0.63 -15.53 -18.16
C ILE A 80 -0.67 -15.37 -16.65
N ARG A 81 -1.51 -16.19 -16.02
CA ARG A 81 -1.67 -16.15 -14.58
C ARG A 81 -2.30 -17.44 -14.09
N THR A 82 -1.90 -17.86 -12.90
CA THR A 82 -2.45 -19.07 -12.32
C THR A 82 -3.16 -18.72 -11.03
N PHE A 83 -4.45 -18.98 -11.00
CA PHE A 83 -5.23 -18.74 -9.80
C PHE A 83 -5.26 -20.12 -9.12
N VAL A 84 -5.14 -20.14 -7.80
CA VAL A 84 -5.15 -21.38 -7.02
C VAL A 84 -6.38 -21.34 -6.11
N PRO A 85 -7.16 -22.43 -6.05
CA PRO A 85 -8.34 -22.36 -5.17
C PRO A 85 -8.02 -21.94 -3.74
N GLY A 86 -8.80 -21.01 -3.22
CA GLY A 86 -8.60 -20.54 -1.87
C GLY A 86 -9.35 -21.41 -0.86
N CYS A 87 -9.64 -20.83 0.31
CA CYS A 87 -10.34 -21.54 1.38
C CYS A 87 -11.80 -21.91 1.12
N GLN A 88 -12.46 -21.13 0.28
CA GLN A 88 -13.86 -21.36 -0.05
C GLN A 88 -14.03 -21.32 -1.56
N PRO A 89 -14.86 -22.22 -2.13
CA PRO A 89 -15.06 -22.21 -3.57
C PRO A 89 -15.39 -20.80 -4.05
N GLY A 90 -14.60 -20.29 -4.99
CA GLY A 90 -14.84 -18.94 -5.47
C GLY A 90 -13.70 -18.00 -5.14
N GLU A 91 -12.91 -18.33 -4.13
CA GLU A 91 -11.76 -17.52 -3.73
C GLU A 91 -10.53 -18.09 -4.42
N PHE A 92 -9.56 -17.23 -4.72
CA PHE A 92 -8.33 -17.69 -5.35
C PHE A 92 -7.12 -16.86 -4.94
N THR A 93 -5.95 -17.50 -4.91
CA THR A 93 -4.71 -16.82 -4.60
C THR A 93 -3.87 -16.90 -5.84
N LEU A 94 -2.71 -16.24 -5.81
CA LEU A 94 -1.83 -16.21 -6.95
C LEU A 94 -0.76 -17.29 -6.94
N GLY A 95 -0.73 -18.07 -8.03
CA GLY A 95 0.24 -19.12 -8.16
C GLY A 95 1.59 -18.54 -8.55
N ASN A 96 2.61 -18.97 -7.85
CA ASN A 96 3.99 -18.55 -8.04
C ASN A 96 4.31 -17.09 -7.71
N ILE A 97 3.48 -16.45 -6.89
CA ILE A 97 3.79 -15.10 -6.45
C ILE A 97 5.30 -15.28 -6.16
N LYS A 98 6.10 -14.22 -6.09
CA LYS A 98 7.56 -14.36 -5.85
C LYS A 98 8.28 -14.37 -7.18
N SER A 99 7.51 -14.62 -8.22
CA SER A 99 8.03 -14.62 -9.57
C SER A 99 7.39 -13.33 -10.12
N TYR A 100 6.81 -12.58 -9.18
CA TYR A 100 6.21 -11.26 -9.46
C TYR A 100 6.85 -10.27 -8.45
N PRO A 101 7.86 -9.51 -8.89
CA PRO A 101 8.58 -8.53 -8.07
C PRO A 101 7.72 -7.45 -7.42
N GLY A 102 7.68 -7.46 -6.09
CA GLY A 102 6.91 -6.48 -5.35
C GLY A 102 5.53 -6.97 -4.94
N LEU A 103 5.30 -8.27 -5.10
CA LEU A 103 4.00 -8.84 -4.77
C LEU A 103 4.02 -9.69 -3.50
N THR A 104 3.28 -9.24 -2.48
CA THR A 104 3.22 -9.97 -1.21
C THR A 104 1.79 -10.43 -0.93
N SER A 105 0.85 -9.95 -1.73
CA SER A 105 -0.57 -10.28 -1.57
C SER A 105 -1.30 -10.32 -2.92
N TYR A 106 -2.32 -11.17 -3.01
CA TYR A 106 -3.14 -11.28 -4.22
C TYR A 106 -4.32 -12.21 -3.95
N LEU A 107 -5.51 -11.72 -4.27
CA LEU A 107 -6.71 -12.49 -3.99
C LEU A 107 -7.78 -12.24 -5.03
N VAL A 108 -8.60 -13.26 -5.28
CA VAL A 108 -9.68 -13.15 -6.25
C VAL A 108 -10.96 -13.63 -5.58
N ARG A 109 -12.05 -12.90 -5.82
CA ARG A 109 -13.32 -13.27 -5.24
C ARG A 109 -14.45 -13.16 -6.25
N VAL A 110 -14.94 -14.30 -6.72
CA VAL A 110 -16.04 -14.28 -7.68
C VAL A 110 -17.25 -13.83 -6.87
N VAL A 111 -17.66 -12.58 -7.06
CA VAL A 111 -18.79 -12.03 -6.34
C VAL A 111 -20.10 -12.69 -6.76
N SER A 112 -20.41 -12.60 -8.05
CA SER A 112 -21.64 -13.20 -8.57
C SER A 112 -21.52 -13.52 -10.06
N THR A 113 -22.18 -14.60 -10.48
CA THR A 113 -22.15 -14.99 -11.89
C THR A 113 -23.25 -15.99 -12.25
N ASN A 114 -23.68 -15.95 -13.51
CA ASN A 114 -24.69 -16.89 -13.99
C ASN A 114 -24.02 -17.86 -14.97
N TYR A 115 -22.70 -17.73 -15.09
CA TYR A 115 -21.88 -18.58 -15.93
C TYR A 115 -22.12 -18.55 -17.43
N ASN A 116 -23.23 -17.98 -17.86
CA ASN A 116 -23.55 -17.98 -19.28
C ASN A 116 -23.60 -16.58 -19.84
N GLN A 117 -23.98 -15.66 -18.97
CA GLN A 117 -24.14 -14.27 -19.32
C GLN A 117 -23.02 -13.40 -18.80
N HIS A 118 -23.05 -13.22 -17.49
CA HIS A 118 -22.14 -12.32 -16.82
C HIS A 118 -21.50 -12.85 -15.54
N ALA A 119 -20.63 -12.03 -14.99
CA ALA A 119 -19.94 -12.35 -13.75
C ALA A 119 -19.28 -11.09 -13.21
N MET A 120 -19.13 -11.05 -11.89
CA MET A 120 -18.49 -9.93 -11.22
C MET A 120 -17.40 -10.51 -10.34
N VAL A 121 -16.19 -10.01 -10.51
CA VAL A 121 -15.05 -10.50 -9.75
C VAL A 121 -14.30 -9.37 -9.04
N PHE A 122 -13.97 -9.61 -7.79
CA PHE A 122 -13.25 -8.66 -6.94
C PHE A 122 -11.80 -9.13 -6.82
N PHE A 123 -10.85 -8.23 -7.09
CA PHE A 123 -9.43 -8.55 -6.98
C PHE A 123 -8.83 -7.59 -5.96
N LYS A 124 -7.83 -8.06 -5.23
CA LYS A 124 -7.16 -7.21 -4.26
C LYS A 124 -5.74 -7.68 -4.09
N LYS A 125 -4.80 -6.76 -4.22
CA LYS A 125 -3.41 -7.14 -4.05
C LYS A 125 -2.56 -6.06 -3.42
N VAL A 126 -1.36 -6.45 -2.99
CA VAL A 126 -0.43 -5.51 -2.39
C VAL A 126 0.89 -5.60 -3.15
N SER A 127 1.18 -4.53 -3.88
CA SER A 127 2.40 -4.39 -4.68
C SER A 127 3.09 -3.13 -4.17
N GLN A 128 4.40 -3.21 -3.96
CA GLN A 128 5.19 -2.07 -3.45
C GLN A 128 4.66 -1.59 -2.10
N ASN A 129 3.85 -2.41 -1.44
CA ASN A 129 3.25 -2.10 -0.14
C ASN A 129 1.96 -1.30 -0.26
N ARG A 130 1.60 -0.92 -1.48
CA ARG A 130 0.38 -0.17 -1.70
C ARG A 130 -0.75 -1.17 -1.91
N GLU A 131 -1.87 -0.96 -1.25
CA GLU A 131 -2.97 -1.89 -1.41
C GLU A 131 -3.87 -1.48 -2.57
N TYR A 132 -4.06 -2.41 -3.50
CA TYR A 132 -4.90 -2.14 -4.66
C TYR A 132 -6.08 -3.10 -4.70
N PHE A 133 -7.21 -2.60 -5.16
CA PHE A 133 -8.39 -3.42 -5.31
C PHE A 133 -9.12 -2.96 -6.55
N LYS A 134 -9.85 -3.89 -7.17
CA LYS A 134 -10.59 -3.57 -8.37
C LYS A 134 -11.71 -4.56 -8.59
N ILE A 135 -12.60 -4.24 -9.52
CA ILE A 135 -13.73 -5.09 -9.81
C ILE A 135 -13.94 -5.09 -11.31
N THR A 136 -13.99 -6.29 -11.87
CA THR A 136 -14.22 -6.43 -13.30
C THR A 136 -15.63 -6.96 -13.48
N LEU A 137 -16.32 -6.44 -14.48
CA LEU A 137 -17.67 -6.89 -14.81
C LEU A 137 -17.42 -7.74 -16.04
N TYR A 138 -17.61 -9.05 -15.93
CA TYR A 138 -17.38 -9.93 -17.07
C TYR A 138 -18.63 -10.15 -17.88
N GLY A 139 -18.43 -10.25 -19.20
CA GLY A 139 -19.54 -10.49 -20.10
C GLY A 139 -19.17 -11.63 -21.03
N ARG A 140 -20.12 -12.53 -21.28
CA ARG A 140 -19.82 -13.63 -22.17
C ARG A 140 -19.77 -13.04 -23.58
N THR A 141 -20.50 -11.94 -23.77
CA THR A 141 -20.51 -11.21 -25.04
C THR A 141 -19.93 -9.83 -24.77
N LYS A 142 -19.58 -9.09 -25.81
CA LYS A 142 -18.96 -7.78 -25.65
C LYS A 142 -19.87 -6.67 -25.11
N GLU A 143 -21.10 -7.00 -24.76
CA GLU A 143 -22.01 -5.97 -24.27
C GLU A 143 -23.09 -6.57 -23.37
N LEU A 144 -23.69 -5.72 -22.52
CA LEU A 144 -24.74 -6.19 -21.62
C LEU A 144 -25.79 -5.14 -21.27
N THR A 145 -26.79 -5.61 -20.54
CA THR A 145 -27.92 -4.81 -20.10
C THR A 145 -27.55 -3.64 -19.21
N SER A 146 -28.42 -2.62 -19.21
CA SER A 146 -28.20 -1.45 -18.38
C SER A 146 -28.39 -1.89 -16.94
N GLU A 147 -29.27 -2.86 -16.73
CA GLU A 147 -29.54 -3.40 -15.40
C GLU A 147 -28.25 -3.92 -14.79
N LEU A 148 -27.51 -4.68 -15.60
CA LEU A 148 -26.26 -5.28 -15.17
C LEU A 148 -25.15 -4.26 -14.94
N LYS A 149 -25.11 -3.25 -15.80
CA LYS A 149 -24.09 -2.22 -15.70
C LYS A 149 -24.30 -1.25 -14.55
N GLU A 150 -25.55 -0.99 -14.18
CA GLU A 150 -25.76 -0.11 -13.05
C GLU A 150 -25.60 -0.90 -11.76
N ASN A 151 -25.88 -2.20 -11.85
CA ASN A 151 -25.70 -3.07 -10.69
C ASN A 151 -24.20 -3.04 -10.39
N PHE A 152 -23.39 -3.06 -11.46
CA PHE A 152 -21.94 -3.02 -11.33
C PHE A 152 -21.51 -1.69 -10.73
N ILE A 153 -22.11 -0.61 -11.22
CA ILE A 153 -21.82 0.74 -10.75
C ILE A 153 -22.22 0.87 -9.28
N ARG A 154 -23.37 0.29 -8.94
CA ARG A 154 -23.90 0.33 -7.57
C ARG A 154 -22.94 -0.35 -6.58
N PHE A 155 -22.47 -1.54 -6.96
CA PHE A 155 -21.56 -2.31 -6.12
C PHE A 155 -20.20 -1.63 -5.97
N SER A 156 -19.64 -1.18 -7.09
CA SER A 156 -18.36 -0.50 -7.06
C SER A 156 -18.44 0.61 -6.02
N LYS A 157 -19.51 1.38 -6.08
CA LYS A 157 -19.71 2.48 -5.14
C LYS A 157 -19.82 2.01 -3.70
N SER A 158 -20.55 0.92 -3.47
CA SER A 158 -20.69 0.42 -2.11
C SER A 158 -19.32 0.11 -1.52
N LEU A 159 -18.32 -0.05 -2.39
CA LEU A 159 -16.97 -0.34 -1.96
C LEU A 159 -16.12 0.91 -1.84
N GLY A 160 -16.75 2.06 -2.04
CA GLY A 160 -16.05 3.34 -1.91
C GLY A 160 -15.53 3.98 -3.18
N LEU A 161 -15.84 3.40 -4.33
CA LEU A 161 -15.36 3.97 -5.58
C LEU A 161 -16.31 4.98 -6.21
N PRO A 162 -15.80 6.18 -6.52
CA PRO A 162 -16.59 7.24 -7.14
C PRO A 162 -16.75 6.96 -8.64
N GLU A 163 -17.87 7.39 -9.22
CA GLU A 163 -18.19 7.21 -10.65
C GLU A 163 -16.92 7.30 -11.50
N ASN A 164 -16.14 8.30 -11.15
CA ASN A 164 -14.87 8.65 -11.74
C ASN A 164 -13.88 7.49 -11.86
N HIS A 165 -13.95 6.55 -10.91
CA HIS A 165 -13.06 5.38 -10.88
C HIS A 165 -13.73 4.15 -11.45
N ILE A 166 -14.77 4.37 -12.25
CA ILE A 166 -15.49 3.27 -12.86
C ILE A 166 -15.51 3.54 -14.36
N VAL A 167 -15.09 2.55 -15.14
CA VAL A 167 -15.03 2.71 -16.59
C VAL A 167 -15.56 1.50 -17.36
N PHE A 168 -16.01 1.75 -18.58
CA PHE A 168 -16.52 0.68 -19.44
C PHE A 168 -15.70 0.64 -20.71
N PRO A 169 -14.78 -0.34 -20.80
CA PRO A 169 -13.95 -0.48 -21.98
C PRO A 169 -14.83 -0.49 -23.23
N VAL A 170 -14.43 0.23 -24.27
CA VAL A 170 -15.20 0.28 -25.51
C VAL A 170 -14.94 -0.98 -26.34
N PRO A 171 -16.01 -1.61 -26.85
CA PRO A 171 -15.88 -2.83 -27.66
C PRO A 171 -14.96 -2.70 -28.86
N ILE A 172 -14.15 -3.73 -29.10
CA ILE A 172 -13.25 -3.77 -30.25
C ILE A 172 -13.30 -5.19 -30.81
N ASP A 173 -12.71 -5.39 -31.99
CA ASP A 173 -12.71 -6.72 -32.62
C ASP A 173 -11.34 -7.32 -32.67
N GLN A 174 -10.32 -6.49 -32.43
CA GLN A 174 -8.94 -6.96 -32.46
C GLN A 174 -8.54 -7.75 -31.21
N CYS A 175 -7.80 -8.83 -31.45
CA CYS A 175 -7.26 -9.69 -30.39
C CYS A 175 -8.19 -10.40 -29.42
N ILE A 176 -9.40 -9.87 -29.23
CA ILE A 176 -10.30 -10.48 -28.26
C ILE A 176 -11.39 -11.33 -28.87
N ASP A 177 -11.19 -11.75 -30.11
CA ASP A 177 -12.17 -12.57 -30.80
C ASP A 177 -11.59 -13.92 -31.21
N THR B 4 8.65 33.23 16.64
CA THR B 4 7.31 32.75 16.18
C THR B 4 7.51 31.54 15.27
N SER B 5 8.22 31.74 14.15
CA SER B 5 8.49 30.64 13.25
C SER B 5 9.83 30.12 13.74
N ASP B 6 10.14 30.50 14.98
CA ASP B 6 11.39 30.10 15.62
C ASP B 6 11.34 28.63 15.96
N LEU B 7 12.50 28.00 15.94
CA LEU B 7 12.60 26.58 16.21
C LEU B 7 13.53 26.25 17.36
N ILE B 8 13.25 25.14 18.02
CA ILE B 8 14.12 24.70 19.10
C ILE B 8 15.30 24.19 18.30
N PRO B 9 16.52 24.59 18.67
CA PRO B 9 17.70 24.13 17.93
C PRO B 9 17.88 22.62 17.92
N ALA B 10 18.37 22.09 16.81
CA ALA B 10 18.61 20.66 16.72
C ALA B 10 19.78 20.39 17.68
N PRO B 11 19.77 19.24 18.34
CA PRO B 11 20.87 18.94 19.26
C PRO B 11 22.07 18.45 18.45
N PRO B 12 23.27 18.49 19.04
CA PRO B 12 24.44 18.03 18.29
C PRO B 12 24.49 16.50 18.34
N LEU B 13 24.98 15.86 17.28
CA LEU B 13 25.05 14.39 17.22
C LEU B 13 25.64 13.73 18.45
N SER B 14 26.55 14.41 19.13
CA SER B 14 27.18 13.88 20.32
C SER B 14 26.14 13.53 21.39
N LYS B 15 24.95 14.11 21.29
CA LYS B 15 23.88 13.83 22.25
C LYS B 15 22.92 12.77 21.71
N VAL B 16 23.19 12.29 20.51
CA VAL B 16 22.32 11.29 19.90
C VAL B 16 23.04 9.96 19.73
N PRO B 17 22.76 9.01 20.64
CA PRO B 17 23.35 7.67 20.64
C PRO B 17 23.10 6.89 19.36
N LEU B 18 24.04 6.01 19.03
CA LEU B 18 23.92 5.17 17.86
C LEU B 18 23.83 3.73 18.32
N GLN B 19 22.77 3.05 17.90
CA GLN B 19 22.59 1.66 18.30
C GLN B 19 23.88 0.92 18.01
N GLN B 20 24.41 0.25 19.03
CA GLN B 20 25.64 -0.52 18.93
C GLN B 20 25.45 -1.80 18.10
N ASN B 21 26.40 -2.09 17.21
CA ASN B 21 26.37 -3.28 16.35
C ASN B 21 25.03 -3.43 15.64
N PHE B 22 24.56 -2.35 15.01
CA PHE B 22 23.29 -2.35 14.31
C PHE B 22 23.16 -3.43 13.22
N GLN B 23 22.05 -4.15 13.25
CA GLN B 23 21.76 -5.23 12.29
C GLN B 23 20.69 -4.83 11.29
N ASP B 24 21.11 -4.37 10.12
CA ASP B 24 20.18 -3.93 9.08
C ASP B 24 19.11 -4.94 8.63
N ASN B 25 19.46 -6.22 8.51
CA ASN B 25 18.49 -7.23 8.08
C ASN B 25 17.42 -7.45 9.15
N GLN B 26 17.84 -7.40 10.41
CA GLN B 26 16.95 -7.60 11.55
C GLN B 26 16.02 -6.41 11.80
N PHE B 27 16.43 -5.23 11.34
CA PHE B 27 15.65 -4.01 11.51
C PHE B 27 14.56 -3.92 10.46
N GLN B 28 14.65 -4.81 9.48
CA GLN B 28 13.71 -4.85 8.39
C GLN B 28 12.28 -5.09 8.85
N GLY B 29 11.33 -4.78 7.97
CA GLY B 29 9.92 -5.00 8.28
C GLY B 29 9.06 -3.77 8.52
N LYS B 30 7.86 -4.02 9.06
CA LYS B 30 6.91 -2.97 9.36
C LYS B 30 7.11 -2.45 10.78
N TRP B 31 7.11 -1.14 10.91
CA TRP B 31 7.25 -0.48 12.20
C TRP B 31 6.11 0.52 12.34
N TYR B 32 5.46 0.51 13.51
CA TYR B 32 4.37 1.43 13.78
C TYR B 32 4.93 2.60 14.57
N VAL B 33 4.59 3.82 14.16
CA VAL B 33 5.06 4.98 14.89
C VAL B 33 4.09 5.19 16.06
N VAL B 34 4.51 4.80 17.26
CA VAL B 34 3.64 4.96 18.43
C VAL B 34 4.03 6.19 19.24
N GLY B 35 5.16 6.79 18.87
CA GLY B 35 5.65 7.97 19.55
C GLY B 35 6.31 8.92 18.54
N LEU B 36 5.95 10.20 18.61
CA LEU B 36 6.49 11.20 17.69
C LEU B 36 6.87 12.49 18.44
N ALA B 37 8.09 12.97 18.24
CA ALA B 37 8.55 14.19 18.89
C ALA B 37 9.50 14.93 17.95
N GLY B 38 9.53 16.27 18.05
CA GLY B 38 10.41 17.05 17.19
C GLY B 38 10.17 18.55 17.33
N ASN B 39 11.13 19.36 16.89
CA ASN B 39 10.98 20.81 17.00
C ASN B 39 9.88 21.38 16.12
N ALA B 40 9.36 20.57 15.20
CA ALA B 40 8.28 21.02 14.32
C ALA B 40 7.03 20.19 14.58
N ILE B 41 7.05 19.41 15.66
CA ILE B 41 5.91 18.59 16.03
C ILE B 41 5.23 19.21 17.23
N LEU B 42 3.92 19.45 17.09
CA LEU B 42 3.15 20.07 18.16
C LEU B 42 1.90 19.26 18.46
N ARG B 43 1.54 19.17 19.73
CA ARG B 43 0.36 18.43 20.13
C ARG B 43 -0.88 19.08 19.53
N GLU B 44 -1.82 18.27 19.08
CA GLU B 44 -3.07 18.76 18.53
C GLU B 44 -4.15 18.22 19.43
N ASP B 45 -5.10 19.04 19.85
CA ASP B 45 -6.12 18.52 20.72
C ASP B 45 -7.48 18.33 20.06
N LYS B 46 -7.88 19.27 19.21
CA LYS B 46 -9.16 19.13 18.53
C LYS B 46 -9.08 18.11 17.39
N ASP B 47 -7.87 17.69 17.05
CA ASP B 47 -7.66 16.70 15.99
C ASP B 47 -6.26 16.07 16.05
N PRO B 48 -6.00 15.20 17.05
CA PRO B 48 -4.74 14.50 17.29
C PRO B 48 -4.25 13.57 16.20
N GLN B 49 -2.92 13.44 16.14
CA GLN B 49 -2.25 12.62 15.14
C GLN B 49 -2.56 11.13 15.17
N LYS B 50 -2.87 10.59 14.01
CA LYS B 50 -3.14 9.17 13.87
C LYS B 50 -1.85 8.47 13.56
N MET B 51 -1.78 7.22 13.96
CA MET B 51 -0.61 6.39 13.75
C MET B 51 -0.46 5.98 12.30
N TYR B 52 0.72 6.19 11.74
CA TYR B 52 0.99 5.76 10.39
C TYR B 52 2.01 4.65 10.59
N ALA B 53 2.36 3.93 9.53
CA ALA B 53 3.33 2.85 9.65
C ALA B 53 4.50 3.09 8.70
N THR B 54 5.62 2.42 8.95
CA THR B 54 6.80 2.57 8.10
C THR B 54 7.48 1.22 7.86
N ILE B 55 7.62 0.85 6.59
CA ILE B 55 8.22 -0.43 6.23
C ILE B 55 9.63 -0.26 5.68
N TYR B 56 10.59 -0.95 6.29
CA TYR B 56 11.99 -0.90 5.87
C TYR B 56 12.37 -2.16 5.08
N GLU B 57 12.78 -1.98 3.83
CA GLU B 57 13.18 -3.10 2.98
C GLU B 57 14.61 -2.99 2.49
N LEU B 58 15.43 -3.97 2.83
CA LEU B 58 16.83 -4.00 2.42
C LEU B 58 16.99 -4.38 0.95
N LYS B 59 17.64 -3.52 0.17
CA LYS B 59 17.92 -3.80 -1.22
C LYS B 59 19.23 -4.59 -1.22
N GLU B 60 19.59 -5.18 -2.34
CA GLU B 60 20.83 -5.94 -2.38
C GLU B 60 22.05 -5.03 -2.29
N ASP B 61 21.85 -3.74 -2.57
CA ASP B 61 22.96 -2.78 -2.47
C ASP B 61 23.01 -2.25 -1.03
N LYS B 62 22.38 -2.98 -0.11
CA LYS B 62 22.33 -2.63 1.31
C LYS B 62 21.71 -1.29 1.69
N SER B 63 20.82 -0.81 0.84
CA SER B 63 20.11 0.44 1.08
C SER B 63 18.73 0.01 1.51
N TYR B 64 17.96 0.92 2.08
CA TYR B 64 16.61 0.61 2.49
C TYR B 64 15.62 1.30 1.58
N ASN B 65 14.51 0.62 1.33
CA ASN B 65 13.43 1.16 0.55
C ASN B 65 12.46 1.47 1.69
N VAL B 66 12.36 2.74 2.06
CA VAL B 66 11.50 3.16 3.16
C VAL B 66 10.17 3.70 2.62
N THR B 67 9.08 3.01 2.95
CA THR B 67 7.76 3.43 2.50
C THR B 67 6.82 3.57 3.70
N SER B 68 6.10 4.68 3.74
CA SER B 68 5.16 4.96 4.83
C SER B 68 3.73 5.08 4.35
N VAL B 69 2.81 4.60 5.18
CA VAL B 69 1.39 4.63 4.87
C VAL B 69 0.66 5.41 5.96
N LEU B 70 -0.26 6.28 5.56
CA LEU B 70 -1.02 7.06 6.51
C LEU B 70 -2.45 7.33 6.04
N PHE B 71 -3.39 7.34 6.99
CA PHE B 71 -4.79 7.60 6.65
C PHE B 71 -5.02 9.11 6.60
N ARG B 72 -4.91 9.65 5.39
CA ARG B 72 -5.06 11.08 5.14
C ARG B 72 -6.27 11.40 4.26
N LYS B 73 -7.31 11.96 4.86
CA LYS B 73 -8.53 12.34 4.16
C LYS B 73 -9.33 11.24 3.47
N LYS B 74 -9.61 10.18 4.22
CA LYS B 74 -10.38 9.05 3.69
C LYS B 74 -9.62 8.25 2.62
N LYS B 75 -8.32 8.49 2.54
CA LYS B 75 -7.45 7.80 1.59
C LYS B 75 -6.15 7.37 2.27
N CYS B 76 -5.43 6.47 1.61
CA CYS B 76 -4.15 6.01 2.13
C CYS B 76 -3.06 6.73 1.38
N ASP B 77 -2.25 7.51 2.08
CA ASP B 77 -1.16 8.23 1.46
C ASP B 77 0.08 7.37 1.56
N TYR B 78 0.83 7.27 0.48
CA TYR B 78 2.05 6.48 0.48
C TYR B 78 3.20 7.36 0.03
N TRP B 79 4.27 7.40 0.79
CA TRP B 79 5.41 8.16 0.36
C TRP B 79 6.64 7.33 0.63
N ILE B 80 7.30 7.06 -0.47
CA ILE B 80 8.51 6.27 -0.63
C ILE B 80 9.76 7.07 -0.32
N ARG B 81 10.83 6.36 0.03
CA ARG B 81 12.08 7.00 0.41
C ARG B 81 13.23 5.99 0.34
N THR B 82 14.46 6.48 0.16
CA THR B 82 15.62 5.60 0.11
C THR B 82 16.68 6.04 1.13
N PHE B 83 17.04 5.14 2.02
CA PHE B 83 18.05 5.40 3.05
C PHE B 83 19.37 4.73 2.71
N VAL B 84 20.38 5.55 2.41
CA VAL B 84 21.72 5.08 2.06
C VAL B 84 22.57 5.00 3.34
N PRO B 85 23.11 3.81 3.65
CA PRO B 85 23.94 3.62 4.85
C PRO B 85 25.04 4.67 4.98
N GLY B 86 25.25 5.20 6.18
CA GLY B 86 26.29 6.19 6.38
C GLY B 86 27.62 5.55 6.74
N CYS B 87 28.50 6.32 7.36
CA CYS B 87 29.83 5.84 7.74
C CYS B 87 29.78 4.80 8.86
N GLN B 88 28.75 4.84 9.67
CA GLN B 88 28.62 3.90 10.78
C GLN B 88 27.27 3.18 10.76
N PRO B 89 27.29 1.84 10.87
CA PRO B 89 26.03 1.08 10.84
C PRO B 89 24.99 1.68 11.79
N GLY B 90 23.84 2.03 11.23
CA GLY B 90 22.79 2.63 12.04
C GLY B 90 22.56 4.05 11.58
N GLU B 91 23.49 4.55 10.76
CA GLU B 91 23.41 5.90 10.21
C GLU B 91 22.89 5.85 8.77
N PHE B 92 22.18 6.88 8.36
CA PHE B 92 21.65 6.93 7.01
C PHE B 92 21.52 8.33 6.46
N THR B 93 21.59 8.44 5.13
CA THR B 93 21.43 9.71 4.45
C THR B 93 20.30 9.48 3.45
N LEU B 94 19.73 10.56 2.93
CA LEU B 94 18.63 10.41 1.99
C LEU B 94 19.10 10.14 0.58
N GLY B 95 18.68 9.01 0.04
CA GLY B 95 19.08 8.68 -1.32
C GLY B 95 18.64 9.72 -2.33
N ASN B 96 19.50 10.00 -3.30
CA ASN B 96 19.25 10.95 -4.40
C ASN B 96 18.95 12.42 -4.13
N ILE B 97 18.79 12.79 -2.86
CA ILE B 97 18.52 14.17 -2.37
C ILE B 97 18.22 15.49 -3.14
N LYS B 98 18.58 15.66 -4.40
CA LYS B 98 18.16 16.88 -5.10
C LYS B 98 16.77 16.85 -5.81
N SER B 99 16.09 15.73 -5.68
CA SER B 99 14.80 15.57 -6.30
C SER B 99 13.77 15.96 -5.25
N TYR B 100 14.28 16.49 -4.15
CA TYR B 100 13.44 16.98 -3.06
C TYR B 100 13.75 18.47 -2.98
N PRO B 101 12.89 19.29 -3.59
CA PRO B 101 13.05 20.75 -3.62
C PRO B 101 13.13 21.37 -2.22
N GLY B 102 14.22 22.07 -1.95
CA GLY B 102 14.41 22.69 -0.66
C GLY B 102 15.25 21.88 0.31
N LEU B 103 15.28 20.57 0.14
CA LEU B 103 16.05 19.71 1.04
C LEU B 103 17.54 19.66 0.73
N THR B 104 18.34 20.25 1.61
CA THR B 104 19.80 20.29 1.45
C THR B 104 20.57 19.30 2.35
N SER B 105 19.91 18.84 3.41
CA SER B 105 20.49 17.88 4.37
C SER B 105 19.42 16.94 4.89
N TYR B 106 19.80 15.70 5.14
CA TYR B 106 18.85 14.72 5.65
C TYR B 106 19.60 13.56 6.28
N LEU B 107 19.47 13.38 7.58
CA LEU B 107 20.18 12.30 8.24
C LEU B 107 19.26 11.49 9.14
N VAL B 108 19.62 10.22 9.30
CA VAL B 108 18.88 9.29 10.11
C VAL B 108 19.85 8.59 11.02
N ARG B 109 19.43 8.37 12.26
CA ARG B 109 20.26 7.71 13.25
C ARG B 109 19.42 6.76 14.09
N VAL B 110 19.68 5.45 13.98
CA VAL B 110 18.95 4.49 14.80
C VAL B 110 19.59 4.58 16.19
N VAL B 111 18.85 5.14 17.14
CA VAL B 111 19.35 5.33 18.51
C VAL B 111 19.43 4.04 19.32
N SER B 112 18.34 3.28 19.32
CA SER B 112 18.27 2.02 20.06
C SER B 112 17.11 1.18 19.57
N THR B 113 17.30 -0.12 19.53
CA THR B 113 16.26 -1.03 19.09
C THR B 113 16.55 -2.44 19.54
N ASN B 114 15.51 -3.23 19.72
CA ASN B 114 15.68 -4.63 20.09
C ASN B 114 15.16 -5.47 18.93
N TYR B 115 14.88 -4.79 17.81
CA TYR B 115 14.45 -5.44 16.58
C TYR B 115 13.16 -6.26 16.57
N ASN B 116 12.73 -6.74 17.72
CA ASN B 116 11.53 -7.56 17.77
C ASN B 116 10.35 -6.84 18.39
N GLN B 117 10.64 -5.83 19.20
CA GLN B 117 9.60 -5.10 19.89
C GLN B 117 9.53 -3.60 19.61
N HIS B 118 10.64 -2.92 19.81
CA HIS B 118 10.65 -1.48 19.64
C HIS B 118 11.95 -0.92 19.08
N ALA B 119 11.90 0.37 18.74
CA ALA B 119 13.04 1.09 18.18
C ALA B 119 12.86 2.59 18.31
N MET B 120 13.97 3.31 18.43
CA MET B 120 13.94 4.76 18.53
C MET B 120 14.85 5.31 17.45
N VAL B 121 14.31 6.17 16.60
CA VAL B 121 15.09 6.74 15.50
C VAL B 121 15.07 8.27 15.45
N PHE B 122 16.26 8.83 15.31
CA PHE B 122 16.44 10.28 15.25
C PHE B 122 16.60 10.78 13.82
N PHE B 123 15.80 11.78 13.47
CA PHE B 123 15.83 12.35 12.12
C PHE B 123 16.22 13.81 12.19
N LYS B 124 17.08 14.24 11.28
CA LYS B 124 17.48 15.64 11.22
C LYS B 124 17.68 16.01 9.76
N LYS B 125 17.09 17.13 9.35
CA LYS B 125 17.22 17.59 7.98
C LYS B 125 17.10 19.09 7.89
N VAL B 126 17.61 19.64 6.80
CA VAL B 126 17.54 21.07 6.60
C VAL B 126 16.73 21.36 5.35
N SER B 127 15.60 22.04 5.56
CA SER B 127 14.73 22.39 4.47
C SER B 127 14.47 23.89 4.52
N GLN B 128 14.65 24.55 3.37
CA GLN B 128 14.47 25.99 3.23
C GLN B 128 15.59 26.73 3.95
N ASN B 129 16.42 25.96 4.64
CA ASN B 129 17.55 26.47 5.42
C ASN B 129 17.17 26.41 6.90
N ARG B 130 16.01 25.80 7.18
CA ARG B 130 15.52 25.65 8.54
C ARG B 130 15.88 24.24 8.97
N GLU B 131 16.55 24.14 10.12
CA GLU B 131 16.98 22.84 10.63
C GLU B 131 15.88 22.17 11.44
N TYR B 132 15.43 21.01 10.96
CA TYR B 132 14.38 20.27 11.65
C TYR B 132 14.92 18.95 12.17
N PHE B 133 14.48 18.56 13.37
CA PHE B 133 14.88 17.29 13.92
C PHE B 133 13.66 16.63 14.55
N LYS B 134 13.70 15.31 14.71
CA LYS B 134 12.58 14.63 15.31
C LYS B 134 12.97 13.24 15.75
N ILE B 135 12.09 12.61 16.52
CA ILE B 135 12.36 11.27 17.02
C ILE B 135 11.09 10.44 16.96
N THR B 136 11.17 9.28 16.31
CA THR B 136 10.01 8.40 16.24
C THR B 136 10.24 7.22 17.17
N LEU B 137 9.18 6.82 17.86
CA LEU B 137 9.25 5.67 18.74
C LEU B 137 8.59 4.60 17.89
N TYR B 138 9.35 3.58 17.49
CA TYR B 138 8.82 2.52 16.66
C TYR B 138 8.36 1.31 17.46
N GLY B 139 7.29 0.68 17.01
CA GLY B 139 6.76 -0.50 17.66
C GLY B 139 6.46 -1.57 16.64
N ARG B 140 6.67 -2.82 17.02
CA ARG B 140 6.40 -3.93 16.13
C ARG B 140 4.88 -4.11 16.13
N THR B 141 4.24 -3.64 17.19
CA THR B 141 2.79 -3.67 17.34
C THR B 141 2.32 -2.24 17.54
N LYS B 142 1.00 -2.05 17.57
CA LYS B 142 0.43 -0.73 17.72
C LYS B 142 0.39 -0.14 19.13
N GLU B 143 1.16 -0.70 20.04
CA GLU B 143 1.17 -0.17 21.39
C GLU B 143 2.34 -0.70 22.20
N LEU B 144 2.73 0.02 23.24
CA LEU B 144 3.84 -0.44 24.06
C LEU B 144 3.77 -0.01 25.50
N THR B 145 4.72 -0.56 26.25
CA THR B 145 4.89 -0.33 27.67
C THR B 145 5.02 1.13 28.08
N SER B 146 4.63 1.40 29.32
CA SER B 146 4.74 2.73 29.87
C SER B 146 6.23 3.00 29.97
N GLU B 147 6.98 1.92 30.24
CA GLU B 147 8.42 1.98 30.38
C GLU B 147 9.09 2.57 29.14
N LEU B 148 8.74 2.01 27.98
CA LEU B 148 9.30 2.48 26.71
C LEU B 148 8.85 3.89 26.42
N LYS B 149 7.57 4.16 26.67
CA LYS B 149 7.05 5.48 26.41
C LYS B 149 7.66 6.53 27.31
N GLU B 150 7.91 6.18 28.57
CA GLU B 150 8.52 7.13 29.49
C GLU B 150 10.00 7.30 29.14
N ASN B 151 10.56 6.29 28.52
CA ASN B 151 11.96 6.31 28.12
C ASN B 151 12.10 7.26 26.94
N PHE B 152 11.14 7.20 26.04
CA PHE B 152 11.10 8.03 24.85
C PHE B 152 10.86 9.50 25.22
N ILE B 153 10.05 9.73 26.25
CA ILE B 153 9.77 11.09 26.69
C ILE B 153 11.05 11.67 27.30
N ARG B 154 11.71 10.85 28.10
CA ARG B 154 12.95 11.22 28.76
C ARG B 154 14.02 11.57 27.72
N PHE B 155 14.11 10.76 26.67
CA PHE B 155 15.10 11.01 25.63
C PHE B 155 14.80 12.31 24.87
N SER B 156 13.56 12.46 24.41
CA SER B 156 13.12 13.66 23.68
C SER B 156 13.44 14.90 24.48
N LYS B 157 13.24 14.84 25.79
CA LYS B 157 13.53 15.98 26.64
C LYS B 157 15.02 16.23 26.77
N SER B 158 15.81 15.17 26.80
CA SER B 158 17.26 15.33 26.91
C SER B 158 17.78 16.04 25.67
N LEU B 159 16.95 16.06 24.62
CA LEU B 159 17.33 16.71 23.37
C LEU B 159 16.74 18.13 23.32
N GLY B 160 16.15 18.55 24.43
CA GLY B 160 15.59 19.89 24.51
C GLY B 160 14.14 20.07 24.12
N LEU B 161 13.45 18.97 23.82
CA LEU B 161 12.04 19.08 23.46
C LEU B 161 11.15 19.03 24.70
N PRO B 162 10.21 19.97 24.80
CA PRO B 162 9.27 20.04 25.94
C PRO B 162 8.09 19.10 25.65
N GLU B 163 7.32 18.75 26.68
CA GLU B 163 6.17 17.85 26.50
C GLU B 163 5.23 18.26 25.37
N ASN B 164 5.19 19.56 25.11
CA ASN B 164 4.34 20.13 24.08
C ASN B 164 4.73 19.70 22.66
N HIS B 165 5.96 19.21 22.51
CA HIS B 165 6.44 18.78 21.19
C HIS B 165 6.57 17.27 21.13
N ILE B 166 5.88 16.60 22.04
CA ILE B 166 5.90 15.16 22.13
C ILE B 166 4.47 14.63 22.02
N VAL B 167 4.21 13.78 21.03
CA VAL B 167 2.88 13.21 20.84
C VAL B 167 2.92 11.71 20.67
N PHE B 168 1.75 11.08 20.85
CA PHE B 168 1.58 9.63 20.71
C PHE B 168 0.39 9.38 19.82
N PRO B 169 0.64 9.12 18.54
CA PRO B 169 -0.43 8.86 17.56
C PRO B 169 -1.40 7.83 18.08
N VAL B 170 -2.69 8.12 17.97
CA VAL B 170 -3.73 7.19 18.42
C VAL B 170 -3.91 6.06 17.41
N PRO B 171 -3.88 4.81 17.89
CA PRO B 171 -4.04 3.60 17.09
C PRO B 171 -5.29 3.57 16.22
N ILE B 172 -5.11 3.15 14.98
CA ILE B 172 -6.21 3.03 14.02
C ILE B 172 -5.99 1.72 13.27
N ASP B 173 -6.87 1.38 12.34
CA ASP B 173 -6.75 0.14 11.59
C ASP B 173 -6.63 0.39 10.09
N GLN B 174 -6.95 1.61 9.68
CA GLN B 174 -6.93 1.98 8.27
C GLN B 174 -5.53 2.15 7.69
N CYS B 175 -5.34 1.59 6.50
CA CYS B 175 -4.08 1.70 5.76
C CYS B 175 -2.80 1.14 6.36
N ILE B 176 -2.76 0.99 7.68
CA ILE B 176 -1.53 0.52 8.28
C ILE B 176 -1.48 -0.95 8.67
N ASP B 177 -2.51 -1.69 8.30
CA ASP B 177 -2.54 -3.11 8.63
C ASP B 177 -2.31 -4.03 7.43
#